data_8CCB
#
_entry.id   8CCB
#
_cell.length_a   50.328
_cell.length_b   54.115
_cell.length_c   57.158
_cell.angle_alpha   90.000
_cell.angle_beta   90.000
_cell.angle_gamma   90.000
#
_symmetry.space_group_name_H-M   'P 21 21 21'
#
loop_
_entity.id
_entity.type
_entity.pdbx_description
1 polymer 'Peptidyl-prolyl cis-trans isomerase FKBP5'
2 non-polymer '2-[3-[(1~{R})-1-[(2~{S})-1-[(2~{S})-2-(5-chloranylthiophen-2-yl)-2-cyclohexyl-ethanoyl]piperidin-2-yl]carbonyloxy-3-(3,4-dimethoxyphenyl)propyl]phenoxy]ethanoic acid'
3 water water
#
_entity_poly.entity_id   1
_entity_poly.type   'polypeptide(L)'
_entity_poly.pdbx_seq_one_letter_code
;GAPATVTEQGEDITSKKDRGVLKIVKRVGNGEETPMIGDKVYVHYKGKLSNGKKFDSSHDRNEPFVFSLGKGQVIKAWDI
GVATMKKGEIAHLLIKPEYAYGSAGSLPKIPSNATLFFEIELLDFKGE
;
_entity_poly.pdbx_strand_id   A
#
loop_
_chem_comp.id
_chem_comp.type
_chem_comp.name
_chem_comp.formula
U83 non-polymer '2-[3-[(1~{R})-1-[(2~{S})-1-[(2~{S})-2-(5-chloranylthiophen-2-yl)-2-cyclohexyl-ethanoyl]piperidin-2-yl]carbonyloxy-3-(3,4-dimethoxyphenyl)propyl]phenoxy]ethanoic acid' 'C37 H44 Cl N O8 S'
#
# COMPACT_ATOMS: atom_id res chain seq x y z
N GLY A 1 -3.90 16.41 7.01
CA GLY A 1 -4.60 15.15 6.71
C GLY A 1 -3.71 13.93 6.92
N ALA A 2 -4.29 12.75 6.74
CA ALA A 2 -3.51 11.52 6.94
C ALA A 2 -2.29 11.52 6.02
N PRO A 3 -2.35 11.99 4.75
CA PRO A 3 -1.15 12.05 3.90
C PRO A 3 -0.02 12.90 4.50
N ALA A 4 -0.33 14.11 4.94
CA ALA A 4 0.67 14.95 5.58
C ALA A 4 1.20 14.32 6.86
N THR A 5 0.37 13.59 7.61
CA THR A 5 0.87 12.90 8.77
C THR A 5 1.90 11.86 8.35
N VAL A 6 1.67 11.13 7.23
CA VAL A 6 2.66 10.16 6.79
C VAL A 6 3.94 10.87 6.35
N THR A 7 3.81 11.96 5.60
CA THR A 7 5.00 12.76 5.29
C THR A 7 5.83 13.05 6.53
N GLU A 8 5.18 13.54 7.59
CA GLU A 8 5.82 14.11 8.77
C GLU A 8 6.28 13.03 9.73
N GLN A 9 5.50 11.95 9.84
CA GLN A 9 5.76 10.95 10.88
C GLN A 9 6.02 9.56 10.31
N GLY A 10 5.89 9.36 9.00
CA GLY A 10 5.99 8.05 8.38
C GLY A 10 7.41 7.48 8.42
N GLU A 11 7.51 6.16 8.47
CA GLU A 11 8.77 5.43 8.36
C GLU A 11 9.05 5.13 6.89
N ASP A 12 10.28 5.42 6.48
CA ASP A 12 10.70 5.08 5.13
C ASP A 12 11.05 3.60 5.06
N ILE A 13 10.21 2.80 4.36
CA ILE A 13 10.41 1.36 4.27
C ILE A 13 11.05 0.93 2.95
N THR A 14 11.59 1.86 2.16
CA THR A 14 12.31 1.52 0.95
C THR A 14 13.74 1.06 1.26
N SER A 15 14.26 0.11 0.46
CA SER A 15 15.63 -0.34 0.62
C SER A 15 16.62 0.79 0.28
N LYS A 16 16.26 1.64 -0.68
CA LYS A 16 17.14 2.73 -1.09
C LYS A 16 17.13 3.89 -0.08
N LYS A 17 16.20 3.86 0.87
CA LYS A 17 15.91 4.96 1.78
C LYS A 17 15.80 6.30 1.02
N ASP A 18 14.85 6.34 0.09
CA ASP A 18 14.62 7.50 -0.74
C ASP A 18 13.26 8.11 -0.44
N ARG A 19 12.60 7.67 0.67
CA ARG A 19 11.31 8.19 1.10
C ARG A 19 10.20 7.91 0.07
N GLY A 20 10.40 6.94 -0.81
CA GLY A 20 9.45 6.72 -1.89
C GLY A 20 8.22 5.96 -1.40
N VAL A 21 8.34 5.25 -0.26
CA VAL A 21 7.23 4.57 0.36
C VAL A 21 7.37 4.85 1.86
N LEU A 22 6.42 5.61 2.41
CA LEU A 22 6.39 5.99 3.83
C LEU A 22 5.18 5.35 4.48
N LYS A 23 5.38 4.86 5.70
CA LYS A 23 4.38 4.00 6.34
C LYS A 23 4.07 4.49 7.76
N ILE A 24 2.78 4.60 8.10
CA ILE A 24 2.36 4.67 9.49
C ILE A 24 1.52 3.45 9.83
N VAL A 25 1.82 2.83 10.96
CA VAL A 25 0.88 1.84 11.50
C VAL A 25 -0.24 2.54 12.26
N LYS A 26 -1.47 2.35 11.78
CA LYS A 26 -2.64 2.97 12.37
C LYS A 26 -3.32 2.06 13.39
N ARG A 27 -3.26 0.76 13.15
CA ARG A 27 -3.72 -0.24 14.09
C ARG A 27 -2.72 -1.38 14.13
N VAL A 28 -2.26 -1.75 15.32
CA VAL A 28 -1.29 -2.82 15.41
C VAL A 28 -1.94 -4.17 15.15
N GLY A 29 -1.19 -5.08 14.51
CA GLY A 29 -1.68 -6.38 14.09
C GLY A 29 -1.38 -7.38 15.20
N ASN A 30 -1.45 -8.66 14.87
CA ASN A 30 -1.33 -9.72 15.86
C ASN A 30 0.02 -10.41 15.68
N GLY A 31 0.55 -10.89 16.81
CA GLY A 31 1.81 -11.62 16.86
C GLY A 31 2.96 -10.91 16.14
N GLU A 32 3.81 -11.71 15.50
CA GLU A 32 5.00 -11.18 14.86
C GLU A 32 4.99 -11.52 13.37
N GLU A 33 4.15 -12.47 12.90
CA GLU A 33 4.35 -12.98 11.54
C GLU A 33 3.95 -11.99 10.46
N THR A 34 4.81 -11.88 9.43
CA THR A 34 4.52 -11.14 8.20
C THR A 34 4.65 -12.06 6.99
N PRO A 35 3.98 -11.73 5.85
CA PRO A 35 3.90 -12.69 4.74
C PRO A 35 5.21 -12.93 3.98
N MET A 36 5.29 -14.11 3.38
CA MET A 36 6.44 -14.59 2.62
C MET A 36 6.21 -14.25 1.15
N ILE A 37 7.31 -14.17 0.37
CA ILE A 37 7.22 -14.10 -1.08
C ILE A 37 6.38 -15.30 -1.56
N GLY A 38 5.39 -14.99 -2.40
CA GLY A 38 4.55 -16.01 -3.00
C GLY A 38 3.26 -16.27 -2.22
N ASP A 39 3.17 -15.79 -0.97
CA ASP A 39 1.96 -15.95 -0.17
C ASP A 39 0.81 -15.21 -0.85
N LYS A 40 -0.37 -15.84 -0.87
CA LYS A 40 -1.61 -15.19 -1.24
C LYS A 40 -2.01 -14.29 -0.08
N VAL A 41 -2.12 -12.98 -0.37
CA VAL A 41 -2.49 -12.01 0.65
C VAL A 41 -3.87 -11.45 0.36
N TYR A 42 -4.60 -11.21 1.45
CA TYR A 42 -5.99 -10.77 1.44
C TYR A 42 -6.13 -9.47 2.23
N VAL A 43 -6.52 -8.38 1.56
CA VAL A 43 -6.59 -7.07 2.18
C VAL A 43 -7.92 -6.36 1.88
N HIS A 44 -8.23 -5.33 2.68
CA HIS A 44 -9.13 -4.26 2.26
C HIS A 44 -8.29 -3.01 2.08
N TYR A 45 -8.73 -2.10 1.22
CA TYR A 45 -7.96 -0.88 1.02
C TYR A 45 -8.86 0.30 0.67
N LYS A 46 -8.38 1.49 1.01
CA LYS A 46 -8.92 2.73 0.46
C LYS A 46 -7.75 3.50 -0.13
N GLY A 47 -7.89 3.93 -1.38
CA GLY A 47 -6.77 4.60 -2.02
C GLY A 47 -7.23 5.94 -2.57
N LYS A 48 -6.31 6.91 -2.63
CA LYS A 48 -6.62 8.17 -3.25
C LYS A 48 -5.37 8.90 -3.70
N LEU A 49 -5.56 9.77 -4.69
CA LEU A 49 -4.50 10.69 -5.07
C LEU A 49 -4.22 11.65 -3.91
N SER A 50 -2.98 12.10 -3.76
CA SER A 50 -2.73 13.30 -2.96
C SER A 50 -2.94 14.57 -3.78
N ASN A 51 -2.13 14.77 -4.83
CA ASN A 51 -2.20 15.97 -5.64
C ASN A 51 -3.64 16.24 -6.12
N GLY A 52 -4.23 15.26 -6.84
CA GLY A 52 -5.53 15.40 -7.50
C GLY A 52 -6.69 14.72 -6.76
N LYS A 53 -7.79 14.38 -7.50
CA LYS A 53 -9.06 14.02 -6.90
C LYS A 53 -9.65 12.69 -7.44
N LYS A 54 -9.30 11.57 -6.80
CA LYS A 54 -9.71 10.23 -7.20
C LYS A 54 -9.61 9.30 -6.00
N PHE A 55 -10.65 8.49 -5.78
CA PHE A 55 -10.72 7.62 -4.62
C PHE A 55 -11.32 6.28 -5.05
N ASP A 56 -10.80 5.19 -4.51
CA ASP A 56 -11.37 3.89 -4.75
C ASP A 56 -11.17 3.02 -3.51
N SER A 57 -12.11 2.10 -3.26
CA SER A 57 -12.10 1.29 -2.04
C SER A 57 -12.56 -0.12 -2.38
N SER A 58 -11.87 -1.15 -1.84
CA SER A 58 -12.24 -2.54 -2.07
C SER A 58 -13.60 -2.85 -1.44
N HIS A 59 -13.93 -2.15 -0.35
CA HIS A 59 -15.17 -2.37 0.37
C HIS A 59 -16.35 -2.04 -0.56
N ASP A 60 -16.05 -1.52 -1.75
CA ASP A 60 -17.02 -1.47 -2.84
C ASP A 60 -17.45 -2.90 -3.18
N ARG A 61 -16.90 -3.90 -2.47
CA ARG A 61 -17.48 -5.23 -2.37
C ARG A 61 -17.13 -5.84 -1.01
N ASN A 62 -17.98 -6.79 -0.59
CA ASN A 62 -17.69 -7.71 0.50
C ASN A 62 -16.84 -8.83 -0.09
N GLU A 63 -15.68 -8.44 -0.65
CA GLU A 63 -14.76 -9.36 -1.31
C GLU A 63 -13.35 -8.78 -1.16
N PRO A 64 -12.49 -9.39 -0.32
CA PRO A 64 -11.13 -8.88 -0.16
C PRO A 64 -10.38 -8.83 -1.50
N PHE A 65 -9.44 -7.91 -1.56
CA PHE A 65 -8.52 -7.85 -2.69
C PHE A 65 -7.42 -8.86 -2.40
N VAL A 66 -7.09 -9.71 -3.38
CA VAL A 66 -6.11 -10.76 -3.22
C VAL A 66 -5.03 -10.64 -4.28
N PHE A 67 -3.77 -10.83 -3.87
CA PHE A 67 -2.67 -10.99 -4.82
C PHE A 67 -1.58 -11.85 -4.21
N SER A 68 -0.65 -12.28 -5.07
CA SER A 68 0.54 -13.02 -4.65
C SER A 68 1.68 -12.05 -4.34
N LEU A 69 2.14 -12.11 -3.08
CA LEU A 69 3.13 -11.13 -2.62
C LEU A 69 4.48 -11.28 -3.31
N GLY A 70 5.04 -10.14 -3.80
CA GLY A 70 6.42 -10.09 -4.22
C GLY A 70 6.67 -10.60 -5.64
N LYS A 71 5.63 -10.59 -6.47
CA LYS A 71 5.66 -11.17 -7.80
C LYS A 71 5.38 -10.10 -8.86
N GLY A 72 5.29 -8.83 -8.47
CA GLY A 72 5.05 -7.78 -9.47
C GLY A 72 3.60 -7.82 -9.98
N GLN A 73 2.68 -8.36 -9.15
CA GLN A 73 1.27 -8.37 -9.52
C GLN A 73 0.59 -7.04 -9.20
N VAL A 74 1.25 -6.20 -8.39
CA VAL A 74 0.74 -4.93 -7.90
C VAL A 74 1.89 -3.93 -8.04
N ILE A 75 1.60 -2.64 -7.91
CA ILE A 75 2.66 -1.63 -7.91
C ILE A 75 3.72 -1.94 -6.85
N LYS A 76 4.93 -1.45 -7.11
CA LYS A 76 6.09 -1.76 -6.29
C LYS A 76 5.81 -1.46 -4.82
N ALA A 77 5.14 -0.33 -4.54
CA ALA A 77 4.95 0.11 -3.17
C ALA A 77 4.14 -0.94 -2.40
N TRP A 78 3.20 -1.62 -3.08
CA TRP A 78 2.37 -2.61 -2.37
C TRP A 78 3.18 -3.87 -2.05
N ASP A 79 3.99 -4.35 -2.99
CA ASP A 79 4.90 -5.46 -2.73
C ASP A 79 5.80 -5.11 -1.53
N ILE A 80 6.35 -3.87 -1.49
CA ILE A 80 7.20 -3.43 -0.39
C ILE A 80 6.38 -3.36 0.89
N GLY A 81 5.22 -2.66 0.86
CA GLY A 81 4.52 -2.28 2.07
C GLY A 81 3.80 -3.46 2.72
N VAL A 82 3.12 -4.26 1.91
CA VAL A 82 2.31 -5.33 2.49
C VAL A 82 3.22 -6.39 3.13
N ALA A 83 4.44 -6.59 2.59
CA ALA A 83 5.44 -7.49 3.14
C ALA A 83 5.76 -7.17 4.59
N THR A 84 5.61 -5.91 5.02
CA THR A 84 5.97 -5.46 6.36
C THR A 84 4.81 -5.62 7.36
N MET A 85 3.64 -6.04 6.89
CA MET A 85 2.42 -5.91 7.68
C MET A 85 2.16 -7.24 8.42
N LYS A 86 1.55 -7.14 9.60
CA LYS A 86 1.06 -8.31 10.33
C LYS A 86 -0.44 -8.52 10.08
N LYS A 87 -0.91 -9.74 10.35
CA LYS A 87 -2.35 -10.00 10.26
C LYS A 87 -3.12 -9.06 11.19
N GLY A 88 -4.16 -8.40 10.62
CA GLY A 88 -4.99 -7.44 11.36
C GLY A 88 -4.45 -6.03 11.51
N GLU A 89 -3.28 -5.75 10.95
CA GLU A 89 -2.69 -4.43 10.97
C GLU A 89 -3.41 -3.56 9.95
N ILE A 90 -3.62 -2.30 10.33
CA ILE A 90 -3.94 -1.28 9.35
C ILE A 90 -2.78 -0.33 9.25
N ALA A 91 -2.39 -0.01 8.01
CA ALA A 91 -1.35 0.95 7.81
C ALA A 91 -1.81 1.96 6.78
N HIS A 92 -1.17 3.11 6.86
CA HIS A 92 -1.24 4.14 5.82
C HIS A 92 0.08 4.19 5.09
N LEU A 93 0.02 4.26 3.76
CA LEU A 93 1.20 4.37 2.92
C LEU A 93 1.05 5.61 2.05
N LEU A 94 2.12 6.41 2.00
CA LEU A 94 2.24 7.51 1.07
C LEU A 94 3.35 7.14 0.09
N ILE A 95 3.02 7.21 -1.21
CA ILE A 95 3.82 6.57 -2.25
C ILE A 95 4.16 7.57 -3.36
N LYS A 96 5.47 7.76 -3.55
CA LYS A 96 5.95 8.62 -4.62
C LYS A 96 5.74 7.90 -5.95
N PRO A 97 5.68 8.60 -7.09
CA PRO A 97 5.38 7.94 -8.34
C PRO A 97 6.35 6.83 -8.78
N GLU A 98 7.64 6.94 -8.43
CA GLU A 98 8.59 5.91 -8.80
C GLU A 98 8.13 4.53 -8.30
N TYR A 99 7.33 4.49 -7.24
CA TYR A 99 6.92 3.23 -6.61
C TYR A 99 5.47 2.90 -6.95
N ALA A 100 4.93 3.66 -7.92
CA ALA A 100 3.55 3.53 -8.32
C ALA A 100 3.49 3.54 -9.85
N TYR A 101 2.99 4.62 -10.45
CA TYR A 101 2.73 4.65 -11.89
C TYR A 101 3.70 5.58 -12.62
N GLY A 102 4.64 6.18 -11.89
CA GLY A 102 5.72 6.90 -12.54
C GLY A 102 5.25 8.04 -13.45
N SER A 103 6.03 8.29 -14.51
CA SER A 103 5.75 9.40 -15.40
C SER A 103 4.60 9.07 -16.36
N ALA A 104 4.42 7.78 -16.68
CA ALA A 104 3.33 7.36 -17.56
C ALA A 104 1.98 7.64 -16.91
N GLY A 105 1.91 7.43 -15.60
CA GLY A 105 0.63 7.45 -14.92
C GLY A 105 -0.24 6.26 -15.30
N SER A 106 -1.55 6.44 -15.14
CA SER A 106 -2.52 5.51 -15.68
C SER A 106 -3.75 6.32 -16.10
N LEU A 107 -3.66 6.90 -17.31
CA LEU A 107 -4.65 7.85 -17.78
C LEU A 107 -5.94 7.12 -18.11
N PRO A 108 -7.11 7.78 -17.87
CA PRO A 108 -7.17 9.14 -17.31
C PRO A 108 -7.17 9.33 -15.79
N LYS A 109 -7.40 8.26 -15.02
CA LYS A 109 -7.62 8.34 -13.59
C LYS A 109 -6.39 8.90 -12.86
N ILE A 110 -5.20 8.41 -13.25
CA ILE A 110 -3.99 8.66 -12.51
C ILE A 110 -3.00 9.41 -13.37
N PRO A 111 -2.73 10.70 -13.06
CA PRO A 111 -1.89 11.52 -13.91
C PRO A 111 -0.43 11.07 -13.77
N SER A 112 0.38 11.59 -14.68
CA SER A 112 1.82 11.50 -14.60
C SER A 112 2.29 11.99 -13.23
N ASN A 113 3.37 11.30 -12.75
CA ASN A 113 4.11 11.75 -11.59
C ASN A 113 3.17 11.96 -10.41
N ALA A 114 2.24 11.01 -10.18
CA ALA A 114 1.24 11.11 -9.13
C ALA A 114 1.70 10.43 -7.83
N THR A 115 1.46 11.13 -6.71
CA THR A 115 1.67 10.56 -5.39
C THR A 115 0.34 9.94 -4.98
N LEU A 116 0.41 8.75 -4.38
CA LEU A 116 -0.80 8.05 -3.97
C LEU A 116 -0.76 7.83 -2.48
N PHE A 117 -1.96 7.70 -1.89
CA PHE A 117 -2.12 7.35 -0.50
C PHE A 117 -2.99 6.10 -0.44
N PHE A 118 -2.66 5.18 0.49
CA PHE A 118 -3.53 4.05 0.71
C PHE A 118 -3.65 3.79 2.19
N GLU A 119 -4.88 3.40 2.58
CA GLU A 119 -5.09 2.73 3.87
C GLU A 119 -5.30 1.24 3.57
N ILE A 120 -4.44 0.37 4.13
CA ILE A 120 -4.51 -1.06 3.87
C ILE A 120 -4.77 -1.77 5.19
N GLU A 121 -5.70 -2.71 5.19
CA GLU A 121 -5.92 -3.64 6.29
C GLU A 121 -5.52 -5.02 5.78
N LEU A 122 -4.48 -5.62 6.39
CA LEU A 122 -4.09 -6.97 6.06
C LEU A 122 -5.01 -7.92 6.80
N LEU A 123 -5.86 -8.62 6.09
CA LEU A 123 -6.81 -9.53 6.72
C LEU A 123 -6.15 -10.87 7.04
N ASP A 124 -5.45 -11.43 6.06
CA ASP A 124 -4.91 -12.78 6.15
C ASP A 124 -3.91 -12.99 5.03
N PHE A 125 -3.11 -14.05 5.17
CA PHE A 125 -2.16 -14.47 4.16
C PHE A 125 -1.89 -15.97 4.35
N LYS A 126 -1.65 -16.64 3.22
CA LYS A 126 -1.55 -18.09 3.20
C LYS A 126 -0.66 -18.45 2.01
N GLY A 127 0.18 -19.48 2.19
CA GLY A 127 1.02 -19.95 1.09
C GLY A 127 0.21 -20.68 0.02
N GLU A 128 0.86 -21.01 -1.10
CA GLU A 128 0.24 -21.85 -2.12
C GLU A 128 0.09 -23.30 -1.58
CBM U83 B . -7.56 2.22 -9.50
CBN U83 B . -8.12 2.09 -10.92
CBO U83 B . -7.85 0.64 -11.42
CBP U83 B . -6.30 0.37 -11.27
CBQ U83 B . -6.12 0.15 -9.81
CBK U83 B . -6.13 1.51 -9.24
CBJ U83 B . -5.79 1.38 -7.71
CBL U83 B . -5.93 2.73 -7.07
SBU U83 B . -4.95 4.06 -7.42
CBT U83 B . -5.90 5.08 -6.44
CLBV U83 B . -5.46 6.74 -6.20
CBS U83 B . -6.92 4.42 -5.85
CBR U83 B . -6.96 3.12 -6.26
CBH U83 B . -4.41 0.85 -7.62
OBI U83 B . -3.51 1.63 -7.87
N U83 B . -4.19 -0.39 -7.06
CBF U83 B . -5.24 -1.38 -6.83
CBE U83 B . -5.06 -2.08 -5.52
CBD U83 B . -3.65 -2.62 -5.40
CB U83 B . -2.62 -1.51 -5.48
CA U83 B . -2.79 -0.85 -6.87
C U83 B . -2.35 -1.73 -7.94
O U83 B . -1.28 -2.29 -7.84
OAJ U83 B . -3.09 -1.68 -9.10
CAI U83 B . -2.71 -2.68 -10.16
CAK U83 B . -3.67 -3.74 -10.14
CAL U83 B . -5.00 -3.56 -10.48
CAP U83 B . -3.31 -5.00 -9.68
CAO U83 B . -4.23 -6.05 -9.63
CAN U83 B . -5.56 -5.85 -9.95
CAM U83 B . -5.93 -4.58 -10.40
OAU U83 B . -7.20 -4.27 -10.80
CAV U83 B . -8.24 -5.26 -10.83
CAW U83 B . -8.08 -6.32 -11.92
OAY U83 B . -7.24 -6.12 -12.86
OAX U83 B . -8.79 -7.35 -11.76
CAH U83 B . -2.62 -1.87 -11.46
CAG U83 B . -1.80 -2.70 -12.48
CAD U83 B . -0.41 -2.82 -12.20
CAC U83 B . 0.44 -1.74 -12.36
CAE U83 B . 0.15 -4.01 -11.77
CAF U83 B . 1.51 -4.15 -11.54
CAA U83 B . 2.39 -3.07 -11.67
OAQ U83 B . 3.78 -3.08 -11.50
CAR U83 B . 4.30 -4.47 -11.30
CAB U83 B . 1.84 -1.85 -12.10
OAS U83 B . 2.75 -0.87 -12.27
CAT U83 B . 2.31 0.36 -12.88
HBM U83 B . -7.46 3.28 -9.29
HB6 U83 B . -8.28 1.79 -8.80
HB7 U83 B . -7.64 2.71 -11.72
HBN U83 B . -9.16 2.08 -10.96
HBO U83 B . -8.11 0.56 -12.47
HB8 U83 B . -8.42 -0.08 -10.85
HB9 U83 B . -6.03 -0.52 -11.82
HBP U83 B . -5.73 1.22 -11.63
HCA U83 B . -6.99 -0.22 -9.36
HBQ U83 B . -5.30 -0.40 -9.42
HBK U83 B . -5.35 2.11 -9.72
HBJ U83 B . -6.53 0.73 -7.25
HBS U83 B . -7.64 4.87 -5.18
HBR U83 B . -7.72 2.42 -5.91
HB5 U83 B . -5.22 -2.13 -7.63
HBF U83 B . -6.23 -0.93 -6.82
HB4 U83 B . -5.07 -1.43 -4.70
HBE U83 B . -5.62 -2.97 -5.37
HB3 U83 B . -3.45 -2.98 -4.45
HBD U83 B . -3.38 -3.29 -6.14
HB2 U83 B . -2.81 -0.71 -4.86
HB1 U83 B . -1.65 -1.90 -5.41
HA U83 B . -2.12 0.01 -6.88
HAK U83 B . -1.74 -3.10 -9.93
HAL U83 B . -5.34 -2.58 -10.81
HAP U83 B . -2.28 -5.18 -9.40
HAO U83 B . -3.90 -7.03 -9.27
HAN U83 B . -6.26 -6.69 -9.91
HAX U83 B . -9.18 -4.76 -11.00
HAY U83 B . -8.30 -5.76 -9.86
HAI U83 B . -2.03 -0.99 -11.43
HAJ U83 B . -3.52 -1.78 -12.01
HAG U83 B . -1.74 -2.23 -13.41
HAH U83 B . -2.08 -3.70 -12.51
HAC U83 B . 0.03 -0.79 -12.70
HAE U83 B . -0.49 -4.88 -11.63
HAF U83 B . 1.87 -5.12 -11.20
HAR U83 B . 5.39 -4.42 -11.23
HAS U83 B . 4.03 -5.09 -12.15
HAT U83 B . 3.92 -4.90 -10.39
HAW U83 B . 3.17 1.02 -13.02
HAU U83 B . 1.59 0.85 -12.22
HAV U83 B . 1.85 0.15 -13.84
#